data_6US9
#
_entry.id   6US9
#
_cell.length_a   48.181
_cell.length_b   48.701
_cell.length_c   71.671
_cell.angle_alpha   90.000
_cell.angle_beta   90.010
_cell.angle_gamma   90.000
#
_symmetry.space_group_name_H-M   'P 1 21 1'
#
loop_
_entity.id
_entity.type
_entity.pdbx_description
1 polymer 'Matrix protein 2'
2 non-polymer RIMANTADINE
3 non-polymer 'CHLORIDE ION'
4 water water
#
_entity_poly.entity_id   1
_entity_poly.type   'polypeptide(L)'
_entity_poly.pdbx_seq_one_letter_code
;(ACE)SSDPLVVAASIIGILHLILWILDRL(NH2)
;
_entity_poly.pdbx_strand_id   A,B,C,D,E,F,G,H,I,J,K,L,M,N,O,P
#
# COMPACT_ATOMS: atom_id res chain seq x y z
N SER A 3 -24.35 26.93 14.39
CA SER A 3 -24.74 27.42 15.71
C SER A 3 -25.18 26.27 16.63
N ASP A 4 -25.46 25.11 16.06
CA ASP A 4 -25.54 23.91 16.88
C ASP A 4 -24.12 23.58 17.32
N PRO A 5 -23.82 23.57 18.62
CA PRO A 5 -22.48 23.16 19.04
C PRO A 5 -22.16 21.74 18.63
N LEU A 6 -23.17 20.87 18.54
CA LEU A 6 -22.92 19.51 18.11
C LEU A 6 -22.48 19.48 16.65
N VAL A 7 -23.10 20.30 15.80
CA VAL A 7 -22.77 20.27 14.38
C VAL A 7 -21.41 20.91 14.13
N VAL A 8 -21.14 22.04 14.76
CA VAL A 8 -19.84 22.68 14.64
C VAL A 8 -18.74 21.74 15.16
N ALA A 9 -18.98 21.07 16.29
CA ALA A 9 -17.98 20.18 16.85
C ALA A 9 -17.75 18.97 15.95
N ALA A 10 -18.82 18.35 15.46
CA ALA A 10 -18.66 17.24 14.52
C ALA A 10 -17.96 17.68 13.23
N SER A 11 -18.18 18.94 12.82
CA SER A 11 -17.47 19.49 11.67
C SER A 11 -15.96 19.52 11.91
N ILE A 12 -15.54 20.14 13.01
CA ILE A 12 -14.12 20.19 13.35
C ILE A 12 -13.54 18.79 13.49
N ILE A 13 -14.27 17.91 14.17
CA ILE A 13 -13.85 16.55 14.40
C ILE A 13 -13.77 15.75 13.10
N GLY A 14 -14.67 16.03 12.16
CA GLY A 14 -14.61 15.32 10.88
C GLY A 14 -13.41 15.73 10.05
N ILE A 15 -13.06 17.02 10.12
CA ILE A 15 -11.80 17.47 9.52
C ILE A 15 -10.62 16.78 10.21
N LEU A 16 -10.61 16.76 11.55
CA LEU A 16 -9.55 16.08 12.28
C LEU A 16 -9.42 14.62 11.85
N HIS A 17 -10.54 13.92 11.76
CA HIS A 17 -10.52 12.50 11.42
C HIS A 17 -9.88 12.27 10.05
N LEU A 18 -10.25 13.08 9.05
CA LEU A 18 -9.72 12.81 7.71
C LEU A 18 -8.22 13.12 7.66
N ILE A 19 -7.79 14.16 8.36
CA ILE A 19 -6.36 14.47 8.44
C ILE A 19 -5.60 13.29 9.02
N LEU A 20 -6.10 12.69 10.10
CA LEU A 20 -5.43 11.56 10.72
C LEU A 20 -5.40 10.34 9.80
N TRP A 21 -6.47 10.13 9.05
CA TRP A 21 -6.50 9.02 8.10
C TRP A 21 -5.46 9.20 7.00
N ILE A 22 -5.35 10.41 6.44
CA ILE A 22 -4.37 10.66 5.38
C ILE A 22 -2.95 10.46 5.90
N LEU A 23 -2.65 11.02 7.09
CA LEU A 23 -1.31 10.87 7.65
C LEU A 23 -0.94 9.40 7.82
N ASP A 24 -1.87 8.59 8.36
CA ASP A 24 -1.57 7.18 8.50
C ASP A 24 -1.47 6.48 7.15
N ARG A 25 -2.19 6.97 6.13
CA ARG A 25 -2.10 6.39 4.79
C ARG A 25 -0.78 6.75 4.11
N LEU A 26 -0.31 7.97 4.28
CA LEU A 26 1.00 8.38 3.74
C LEU A 26 2.15 7.74 4.54
N SER B 3 -31.70 21.38 14.46
CA SER B 3 -32.94 20.65 14.62
C SER B 3 -33.18 19.61 13.53
N ASP B 4 -32.33 19.55 12.50
CA ASP B 4 -32.46 18.52 11.47
C ASP B 4 -31.94 17.20 12.01
N PRO B 5 -32.82 16.21 12.25
CA PRO B 5 -32.38 14.97 12.92
C PRO B 5 -31.34 14.21 12.13
N LEU B 6 -31.37 14.34 10.82
CA LEU B 6 -30.36 13.74 9.97
C LEU B 6 -28.98 14.33 10.24
N VAL B 7 -28.92 15.66 10.30
CA VAL B 7 -27.66 16.34 10.58
C VAL B 7 -27.24 16.14 12.03
N VAL B 8 -28.19 16.15 12.97
CA VAL B 8 -27.82 15.90 14.36
C VAL B 8 -27.29 14.49 14.54
N ALA B 9 -27.94 13.51 13.90
CA ALA B 9 -27.52 12.12 14.06
C ALA B 9 -26.14 11.88 13.43
N ALA B 10 -25.92 12.39 12.22
CA ALA B 10 -24.60 12.28 11.59
C ALA B 10 -23.52 12.96 12.42
N SER B 11 -23.86 14.06 13.10
CA SER B 11 -22.91 14.70 14.00
C SER B 11 -22.52 13.76 15.12
N ILE B 12 -23.52 13.20 15.80
CA ILE B 12 -23.27 12.22 16.85
C ILE B 12 -22.45 11.06 16.30
N ILE B 13 -22.86 10.57 15.13
CA ILE B 13 -22.20 9.41 14.56
C ILE B 13 -20.75 9.73 14.19
N GLY B 14 -20.52 10.91 13.62
CA GLY B 14 -19.15 11.30 13.25
C GLY B 14 -18.24 11.41 14.45
N ILE B 15 -18.77 11.82 15.61
CA ILE B 15 -17.95 11.88 16.82
C ILE B 15 -17.63 10.46 17.29
N LEU B 16 -18.65 9.58 17.33
CA LEU B 16 -18.41 8.19 17.68
C LEU B 16 -17.38 7.54 16.77
N HIS B 17 -17.49 7.79 15.47
CA HIS B 17 -16.55 7.22 14.50
C HIS B 17 -15.10 7.62 14.80
N LEU B 18 -14.87 8.89 15.16
CA LEU B 18 -13.49 9.27 15.48
C LEU B 18 -13.02 8.64 16.80
N ILE B 19 -13.93 8.49 17.77
CA ILE B 19 -13.56 7.78 19.00
C ILE B 19 -13.15 6.35 18.68
N LEU B 20 -13.92 5.67 17.83
CA LEU B 20 -13.57 4.30 17.46
C LEU B 20 -12.26 4.25 16.69
N TRP B 21 -12.01 5.24 15.84
CA TRP B 21 -10.78 5.23 15.05
C TRP B 21 -9.55 5.42 15.94
N ILE B 22 -9.63 6.37 16.87
CA ILE B 22 -8.51 6.64 17.77
C ILE B 22 -8.26 5.44 18.68
N LEU B 23 -9.32 4.76 19.12
CA LEU B 23 -9.13 3.59 19.98
C LEU B 23 -8.47 2.45 19.21
N ASP B 24 -8.81 2.29 17.93
CA ASP B 24 -8.07 1.33 17.13
C ASP B 24 -6.63 1.77 16.92
N ARG B 25 -6.38 3.08 16.85
CA ARG B 25 -5.01 3.58 16.69
C ARG B 25 -4.20 3.40 17.96
N LEU B 26 -4.76 3.81 19.10
CA LEU B 26 -4.11 3.72 20.40
C LEU B 26 -3.75 2.27 20.71
N ASP C 4 -29.55 22.68 3.58
CA ASP C 4 -28.45 22.64 2.61
C ASP C 4 -28.28 21.22 2.09
N PRO C 5 -28.56 21.02 0.80
CA PRO C 5 -28.43 19.67 0.22
C PRO C 5 -27.03 19.10 0.33
N LEU C 6 -26.01 19.96 0.36
CA LEU C 6 -24.64 19.48 0.53
C LEU C 6 -24.45 18.88 1.93
N VAL C 7 -24.89 19.60 2.96
CA VAL C 7 -24.79 19.10 4.34
C VAL C 7 -25.63 17.83 4.52
N VAL C 8 -26.81 17.79 3.89
CA VAL C 8 -27.66 16.60 3.97
C VAL C 8 -27.01 15.42 3.29
N ALA C 9 -26.47 15.63 2.09
CA ALA C 9 -25.74 14.57 1.40
C ALA C 9 -24.58 14.05 2.25
N ALA C 10 -23.85 14.95 2.90
CA ALA C 10 -22.70 14.53 3.70
C ALA C 10 -23.14 13.86 5.00
N SER C 11 -24.31 14.23 5.52
CA SER C 11 -24.86 13.51 6.68
C SER C 11 -25.18 12.07 6.32
N ILE C 12 -25.84 11.86 5.16
CA ILE C 12 -26.16 10.51 4.72
C ILE C 12 -24.91 9.68 4.54
N ILE C 13 -23.87 10.28 3.93
CA ILE C 13 -22.61 9.59 3.67
C ILE C 13 -21.89 9.27 4.96
N GLY C 14 -21.92 10.18 5.94
CA GLY C 14 -21.24 9.91 7.20
C GLY C 14 -21.85 8.74 7.95
N ILE C 15 -23.17 8.59 7.87
CA ILE C 15 -23.85 7.45 8.50
C ILE C 15 -23.48 6.16 7.80
N LEU C 16 -23.54 6.16 6.46
CA LEU C 16 -23.06 5.02 5.68
C LEU C 16 -21.62 4.67 6.04
N HIS C 17 -20.76 5.69 6.16
CA HIS C 17 -19.34 5.43 6.38
C HIS C 17 -19.13 4.59 7.64
N LEU C 18 -19.78 4.97 8.74
CA LEU C 18 -19.61 4.23 9.98
C LEU C 18 -20.24 2.84 9.89
N ILE C 19 -21.38 2.72 9.20
CA ILE C 19 -21.94 1.39 8.95
C ILE C 19 -20.92 0.51 8.27
N LEU C 20 -20.28 1.03 7.21
CA LEU C 20 -19.30 0.23 6.48
C LEU C 20 -18.08 -0.06 7.36
N TRP C 21 -17.63 0.94 8.12
CA TRP C 21 -16.44 0.74 8.93
C TRP C 21 -16.64 -0.35 9.99
N ILE C 22 -17.82 -0.38 10.63
CA ILE C 22 -18.08 -1.43 11.63
C ILE C 22 -18.18 -2.80 10.96
N LEU C 23 -18.86 -2.88 9.82
CA LEU C 23 -18.99 -4.17 9.15
C LEU C 23 -17.63 -4.67 8.68
N ASP C 24 -16.75 -3.76 8.27
CA ASP C 24 -15.42 -4.17 7.85
C ASP C 24 -14.62 -4.74 9.00
N ARG C 25 -14.89 -4.33 10.24
CA ARG C 25 -14.18 -4.86 11.40
C ARG C 25 -14.81 -6.16 11.90
N LEU C 26 -16.13 -6.31 11.78
CA LEU C 26 -16.79 -7.55 12.15
C LEU C 26 -16.38 -8.64 11.17
N ASP D 4 -22.90 27.92 6.68
CA ASP D 4 -21.70 28.20 7.47
C ASP D 4 -20.51 27.49 6.84
N PRO D 5 -19.48 28.25 6.45
CA PRO D 5 -18.41 27.67 5.63
C PRO D 5 -17.63 26.56 6.30
N LEU D 6 -17.60 26.50 7.64
CA LEU D 6 -17.00 25.36 8.31
C LEU D 6 -17.83 24.09 8.13
N VAL D 7 -19.15 24.19 8.32
CA VAL D 7 -20.02 23.04 8.09
C VAL D 7 -19.95 22.58 6.63
N VAL D 8 -20.00 23.54 5.70
CA VAL D 8 -19.87 23.22 4.28
C VAL D 8 -18.51 22.59 4.00
N ALA D 9 -17.44 23.12 4.60
CA ALA D 9 -16.12 22.54 4.41
C ALA D 9 -16.05 21.13 4.99
N ALA D 10 -16.59 20.90 6.19
CA ALA D 10 -16.57 19.55 6.74
C ALA D 10 -17.40 18.61 5.87
N SER D 11 -18.47 19.13 5.28
CA SER D 11 -19.32 18.30 4.43
C SER D 11 -18.54 17.78 3.23
N ILE D 12 -17.83 18.68 2.54
CA ILE D 12 -17.01 18.31 1.39
C ILE D 12 -15.95 17.31 1.81
N ILE D 13 -15.34 17.55 2.97
CA ILE D 13 -14.27 16.71 3.50
C ILE D 13 -14.78 15.33 3.89
N GLY D 14 -15.96 15.26 4.52
CA GLY D 14 -16.52 13.96 4.85
C GLY D 14 -16.85 13.13 3.63
N ILE D 15 -17.38 13.76 2.58
CA ILE D 15 -17.59 13.07 1.31
C ILE D 15 -16.28 12.52 0.76
N LEU D 16 -15.23 13.35 0.75
CA LEU D 16 -13.92 12.89 0.28
C LEU D 16 -13.42 11.70 1.09
N HIS D 17 -13.62 11.75 2.42
CA HIS D 17 -13.10 10.73 3.32
C HIS D 17 -13.69 9.36 2.99
N LEU D 18 -15.02 9.28 2.79
CA LEU D 18 -15.63 8.00 2.49
C LEU D 18 -15.20 7.49 1.12
N ILE D 19 -15.07 8.38 0.13
CA ILE D 19 -14.53 7.96 -1.17
C ILE D 19 -13.15 7.35 -0.99
N LEU D 20 -12.28 8.02 -0.23
CA LEU D 20 -10.92 7.51 -0.05
C LEU D 20 -10.91 6.18 0.68
N TRP D 21 -11.73 6.07 1.73
CA TRP D 21 -11.77 4.83 2.51
C TRP D 21 -12.27 3.68 1.64
N ILE D 22 -13.34 3.92 0.87
CA ILE D 22 -13.86 2.91 -0.05
C ILE D 22 -12.80 2.46 -1.03
N LEU D 23 -12.16 3.41 -1.73
CA LEU D 23 -11.11 3.04 -2.67
C LEU D 23 -10.00 2.27 -1.98
N ASP D 24 -9.68 2.68 -0.74
CA ASP D 24 -8.60 2.02 0.06
C ASP D 24 -8.97 0.55 0.27
N ARG D 25 -10.25 0.25 0.40
CA ARG D 25 -10.60 -1.19 0.62
C ARG D 25 -10.88 -1.85 -0.73
N LEU D 26 -11.15 -1.08 -1.78
CA LEU D 26 -11.37 -1.65 -3.11
C LEU D 26 -10.05 -2.07 -3.76
N SER E 3 30.50 -22.25 -6.02
CA SER E 3 31.87 -21.85 -6.30
C SER E 3 32.03 -21.30 -7.72
N ASP E 4 30.97 -21.42 -8.53
CA ASP E 4 31.02 -20.97 -9.92
C ASP E 4 31.10 -19.45 -9.97
N PRO E 5 32.13 -18.87 -10.59
CA PRO E 5 32.28 -17.40 -10.55
C PRO E 5 31.11 -16.66 -11.18
N LEU E 6 30.49 -17.24 -12.20
CA LEU E 6 29.28 -16.63 -12.77
C LEU E 6 28.15 -16.60 -11.75
N VAL E 7 27.97 -17.68 -11.00
CA VAL E 7 26.92 -17.72 -9.97
C VAL E 7 27.23 -16.76 -8.83
N VAL E 8 28.49 -16.68 -8.42
CA VAL E 8 28.88 -15.73 -7.39
C VAL E 8 28.65 -14.30 -7.85
N ALA E 9 29.04 -13.98 -9.09
CA ALA E 9 28.81 -12.64 -9.61
C ALA E 9 27.32 -12.30 -9.64
N ALA E 10 26.47 -13.26 -10.02
CA ALA E 10 25.04 -12.98 -10.06
C ALA E 10 24.46 -12.89 -8.66
N SER E 11 25.04 -13.61 -7.70
CA SER E 11 24.61 -13.50 -6.30
C SER E 11 24.86 -12.09 -5.76
N ILE E 12 26.08 -11.57 -5.96
CA ILE E 12 26.40 -10.20 -5.60
C ILE E 12 25.43 -9.22 -6.24
N ILE E 13 25.18 -9.41 -7.54
CA ILE E 13 24.37 -8.47 -8.30
C ILE E 13 22.90 -8.51 -7.87
N GLY E 14 22.40 -9.70 -7.53
CA GLY E 14 21.03 -9.79 -7.00
C GLY E 14 20.84 -9.09 -5.67
N ILE E 15 21.87 -9.11 -4.80
CA ILE E 15 21.80 -8.38 -3.53
C ILE E 15 21.78 -6.88 -3.80
N LEU E 16 22.64 -6.42 -4.71
CA LEU E 16 22.65 -5.01 -5.10
C LEU E 16 21.32 -4.59 -5.69
N HIS E 17 20.74 -5.44 -6.53
CA HIS E 17 19.46 -5.10 -7.15
C HIS E 17 18.41 -4.80 -6.08
N LEU E 18 18.30 -5.67 -5.08
CA LEU E 18 17.28 -5.45 -4.07
C LEU E 18 17.56 -4.16 -3.28
N ILE E 19 18.85 -3.90 -2.98
CA ILE E 19 19.20 -2.67 -2.28
C ILE E 19 18.75 -1.46 -3.09
N LEU E 20 19.04 -1.48 -4.39
CA LEU E 20 18.67 -0.35 -5.22
C LEU E 20 17.15 -0.22 -5.32
N TRP E 21 16.46 -1.35 -5.46
CA TRP E 21 15.00 -1.30 -5.61
C TRP E 21 14.35 -0.70 -4.37
N ILE E 22 14.77 -1.13 -3.18
CA ILE E 22 14.21 -0.55 -1.95
C ILE E 22 14.53 0.94 -1.85
N LEU E 23 15.74 1.34 -2.24
CA LEU E 23 16.08 2.75 -2.08
C LEU E 23 15.31 3.62 -3.07
N ASP E 24 15.05 3.06 -4.26
CA ASP E 24 14.31 3.83 -5.29
C ASP E 24 12.84 3.95 -4.88
N ARG E 25 12.39 3.06 -3.99
CA ARG E 25 11.01 3.06 -3.43
C ARG E 25 10.93 4.13 -2.32
N LEU E 26 11.99 4.21 -1.51
CA LEU E 26 12.10 5.16 -0.40
C LEU E 26 12.43 6.57 -0.88
N ASP F 4 25.13 -26.72 -12.81
CA ASP F 4 23.77 -27.00 -13.24
C ASP F 4 23.28 -25.89 -14.16
N PRO F 5 22.85 -26.25 -15.37
CA PRO F 5 22.50 -25.23 -16.37
C PRO F 5 21.40 -24.30 -15.93
N LEU F 6 20.46 -24.75 -15.10
CA LEU F 6 19.38 -23.86 -14.74
C LEU F 6 19.85 -22.78 -13.77
N VAL F 7 20.74 -23.10 -12.82
CA VAL F 7 21.36 -22.05 -11.98
C VAL F 7 22.19 -21.11 -12.85
N VAL F 8 22.93 -21.66 -13.82
CA VAL F 8 23.70 -20.82 -14.74
C VAL F 8 22.76 -19.94 -15.54
N ALA F 9 21.69 -20.53 -16.09
CA ALA F 9 20.74 -19.71 -16.84
C ALA F 9 20.15 -18.61 -15.97
N ALA F 10 19.75 -18.93 -14.74
CA ALA F 10 19.19 -17.88 -13.90
C ALA F 10 20.23 -16.83 -13.55
N SER F 11 21.50 -17.22 -13.47
CA SER F 11 22.55 -16.25 -13.16
C SER F 11 22.63 -15.20 -14.25
N ILE F 12 22.75 -15.64 -15.50
CA ILE F 12 22.79 -14.75 -16.66
C ILE F 12 21.55 -13.86 -16.71
N ILE F 13 20.38 -14.45 -16.46
CA ILE F 13 19.11 -13.74 -16.50
C ILE F 13 19.04 -12.68 -15.41
N GLY F 14 19.57 -12.98 -14.23
CA GLY F 14 19.57 -11.98 -13.17
C GLY F 14 20.53 -10.84 -13.40
N ILE F 15 21.66 -11.13 -14.04
CA ILE F 15 22.55 -10.05 -14.49
C ILE F 15 21.83 -9.15 -15.49
N LEU F 16 21.15 -9.78 -16.46
CA LEU F 16 20.39 -9.02 -17.45
C LEU F 16 19.36 -8.14 -16.77
N HIS F 17 18.63 -8.71 -15.80
CA HIS F 17 17.54 -8.01 -15.15
C HIS F 17 18.02 -6.72 -14.53
N LEU F 18 19.14 -6.77 -13.79
CA LEU F 18 19.65 -5.55 -13.15
C LEU F 18 20.11 -4.53 -14.18
N ILE F 19 20.78 -4.98 -15.25
CA ILE F 19 21.16 -4.05 -16.31
C ILE F 19 19.94 -3.33 -16.85
N LEU F 20 18.87 -4.10 -17.15
CA LEU F 20 17.65 -3.52 -17.70
C LEU F 20 17.01 -2.56 -16.72
N TRP F 21 16.93 -2.96 -15.45
CA TRP F 21 16.27 -2.13 -14.47
C TRP F 21 17.02 -0.81 -14.30
N ILE F 22 18.34 -0.88 -14.22
CA ILE F 22 19.19 0.32 -14.12
C ILE F 22 18.95 1.25 -15.30
N LEU F 23 19.11 0.73 -16.52
CA LEU F 23 18.85 1.52 -17.72
C LEU F 23 17.45 2.14 -17.68
N ASP F 24 16.47 1.38 -17.19
CA ASP F 24 15.09 1.86 -17.17
C ASP F 24 14.92 3.09 -16.28
N ARG F 25 15.79 3.22 -15.28
CA ARG F 25 15.86 4.34 -14.29
C ARG F 25 16.45 5.58 -14.96
N LEU F 26 17.56 5.34 -15.65
CA LEU F 26 18.26 6.47 -16.23
C LEU F 26 17.38 7.22 -17.23
N SER G 3 20.95 -28.85 -6.07
CA SER G 3 20.69 -29.81 -4.99
C SER G 3 20.11 -29.13 -3.76
N ASP G 4 20.48 -27.87 -3.54
CA ASP G 4 19.77 -27.15 -2.49
C ASP G 4 18.51 -26.57 -3.12
N PRO G 5 17.36 -26.96 -2.62
CA PRO G 5 16.10 -26.50 -3.23
C PRO G 5 15.93 -25.00 -3.13
N LEU G 6 16.60 -24.34 -2.18
CA LEU G 6 16.53 -22.89 -2.11
C LEU G 6 17.19 -22.24 -3.33
N VAL G 7 18.33 -22.77 -3.77
CA VAL G 7 19.00 -22.18 -4.94
C VAL G 7 18.23 -22.50 -6.22
N VAL G 8 17.82 -23.76 -6.38
CA VAL G 8 16.97 -24.13 -7.51
C VAL G 8 15.69 -23.29 -7.53
N ALA G 9 15.06 -23.10 -6.36
CA ALA G 9 13.81 -22.33 -6.30
C ALA G 9 14.05 -20.86 -6.66
N ALA G 10 15.11 -20.25 -6.11
CA ALA G 10 15.39 -18.86 -6.44
C ALA G 10 15.75 -18.70 -7.92
N SER G 11 16.33 -19.74 -8.52
CA SER G 11 16.61 -19.69 -9.96
C SER G 11 15.33 -19.60 -10.79
N ILE G 12 14.39 -20.50 -10.54
CA ILE G 12 13.10 -20.47 -11.23
C ILE G 12 12.37 -19.16 -10.97
N ILE G 13 12.45 -18.66 -9.72
CA ILE G 13 11.76 -17.44 -9.35
C ILE G 13 12.45 -16.21 -9.98
N GLY G 14 13.77 -16.24 -10.11
CA GLY G 14 14.44 -15.15 -10.81
C GLY G 14 14.09 -15.11 -12.29
N ILE G 15 13.97 -16.27 -12.92
CA ILE G 15 13.53 -16.32 -14.31
C ILE G 15 12.10 -15.80 -14.44
N LEU G 16 11.22 -16.19 -13.51
CA LEU G 16 9.86 -15.68 -13.53
C LEU G 16 9.84 -14.16 -13.36
N HIS G 17 10.61 -13.65 -12.39
CA HIS G 17 10.64 -12.21 -12.13
C HIS G 17 11.05 -11.41 -13.37
N LEU G 18 12.10 -11.84 -14.06
CA LEU G 18 12.52 -11.07 -15.23
C LEU G 18 11.46 -11.12 -16.32
N ILE G 19 10.79 -12.27 -16.47
CA ILE G 19 9.73 -12.39 -17.48
C ILE G 19 8.63 -11.39 -17.20
N LEU G 20 8.19 -11.31 -15.93
CA LEU G 20 7.12 -10.38 -15.55
C LEU G 20 7.53 -8.93 -15.70
N TRP G 21 8.79 -8.61 -15.39
CA TRP G 21 9.28 -7.24 -15.60
C TRP G 21 9.24 -6.86 -17.07
N ILE G 22 9.71 -7.74 -17.94
CA ILE G 22 9.72 -7.45 -19.38
C ILE G 22 8.29 -7.28 -19.90
N LEU G 23 7.37 -8.18 -19.49
CA LEU G 23 5.99 -8.07 -19.95
C LEU G 23 5.39 -6.72 -19.57
N ASP G 24 5.62 -6.25 -18.34
CA ASP G 24 5.10 -4.94 -17.98
C ASP G 24 5.83 -3.82 -18.73
N ARG G 25 7.11 -4.00 -19.02
CA ARG G 25 7.84 -3.00 -19.79
C ARG G 25 7.35 -2.93 -21.24
N LEU G 26 6.93 -4.04 -21.80
CA LEU G 26 6.43 -4.06 -23.18
C LEU G 26 4.97 -3.56 -23.21
N SER H 3 25.49 -24.19 0.31
CA SER H 3 26.34 -24.02 1.49
C SER H 3 27.26 -22.79 1.34
N ASP H 4 27.26 -22.15 0.18
CA ASP H 4 27.94 -20.87 0.01
C ASP H 4 27.00 -19.79 0.55
N PRO H 5 27.34 -19.14 1.65
CA PRO H 5 26.40 -18.19 2.27
C PRO H 5 26.04 -17.04 1.35
N LEU H 6 26.93 -16.68 0.43
CA LEU H 6 26.62 -15.65 -0.55
C LEU H 6 25.47 -16.09 -1.47
N VAL H 7 25.56 -17.32 -1.97
CA VAL H 7 24.53 -17.84 -2.87
C VAL H 7 23.24 -18.12 -2.11
N VAL H 8 23.34 -18.64 -0.88
CA VAL H 8 22.12 -18.87 -0.10
C VAL H 8 21.43 -17.54 0.18
N ALA H 9 22.21 -16.53 0.58
CA ALA H 9 21.62 -15.22 0.90
C ALA H 9 21.00 -14.58 -0.33
N ALA H 10 21.68 -14.64 -1.48
CA ALA H 10 21.10 -14.09 -2.69
C ALA H 10 19.85 -14.86 -3.11
N SER H 11 19.80 -16.16 -2.87
CA SER H 11 18.58 -16.93 -3.13
C SER H 11 17.42 -16.40 -2.29
N ILE H 12 17.63 -16.32 -0.97
CA ILE H 12 16.63 -15.76 -0.07
C ILE H 12 16.20 -14.39 -0.57
N ILE H 13 17.19 -13.56 -0.93
CA ILE H 13 16.92 -12.17 -1.29
C ILE H 13 16.10 -12.10 -2.58
N GLY H 14 16.44 -12.93 -3.58
CA GLY H 14 15.71 -12.90 -4.83
C GLY H 14 14.26 -13.37 -4.70
N ILE H 15 13.98 -14.26 -3.74
CA ILE H 15 12.59 -14.66 -3.50
C ILE H 15 11.83 -13.51 -2.82
N LEU H 16 12.46 -12.86 -1.83
CA LEU H 16 11.87 -11.67 -1.24
C LEU H 16 11.63 -10.58 -2.28
N HIS H 17 12.60 -10.37 -3.18
CA HIS H 17 12.44 -9.34 -4.19
C HIS H 17 11.20 -9.58 -5.06
N LEU H 18 10.96 -10.82 -5.47
CA LEU H 18 9.78 -11.07 -6.29
C LEU H 18 8.48 -10.91 -5.48
N ILE H 19 8.50 -11.29 -4.21
CA ILE H 19 7.33 -11.04 -3.37
C ILE H 19 7.01 -9.56 -3.34
N LEU H 20 8.05 -8.73 -3.16
CA LEU H 20 7.83 -7.29 -3.09
C LEU H 20 7.36 -6.74 -4.42
N TRP H 21 7.89 -7.29 -5.52
CA TRP H 21 7.48 -6.82 -6.85
C TRP H 21 6.02 -7.15 -7.10
N ILE H 22 5.61 -8.39 -6.80
CA ILE H 22 4.22 -8.78 -7.01
C ILE H 22 3.28 -7.93 -6.17
N LEU H 23 3.61 -7.71 -4.89
CA LEU H 23 2.74 -6.88 -4.06
C LEU H 23 2.68 -5.45 -4.57
N ASP H 24 3.77 -4.96 -5.18
CA ASP H 24 3.71 -3.67 -5.85
C ASP H 24 2.81 -3.73 -7.10
N ARG H 25 2.64 -4.90 -7.71
CA ARG H 25 1.82 -5.07 -8.91
C ARG H 25 0.36 -5.34 -8.57
N LEU H 26 0.10 -6.04 -7.47
CA LEU H 26 -1.24 -6.41 -7.05
C LEU H 26 -2.02 -5.22 -6.52
N SER I 3 -8.60 -6.65 16.83
CA SER I 3 -10.04 -6.89 16.67
C SER I 3 -10.30 -8.17 15.87
N ASP I 4 -9.55 -8.35 14.80
CA ASP I 4 -9.79 -9.50 13.93
C ASP I 4 -9.29 -10.79 14.59
N PRO I 5 -10.18 -11.72 14.98
CA PRO I 5 -9.71 -12.92 15.68
C PRO I 5 -8.75 -13.75 14.88
N LEU I 6 -8.84 -13.71 13.56
CA LEU I 6 -7.87 -14.41 12.73
C LEU I 6 -6.48 -13.83 12.90
N VAL I 7 -6.37 -12.49 12.87
CA VAL I 7 -5.08 -11.82 13.11
C VAL I 7 -4.63 -12.02 14.56
N VAL I 8 -5.55 -11.89 15.51
CA VAL I 8 -5.16 -12.12 16.91
C VAL I 8 -4.65 -13.55 17.09
N ALA I 9 -5.34 -14.53 16.50
CA ALA I 9 -4.96 -15.92 16.68
C ALA I 9 -3.60 -16.20 16.04
N ALA I 10 -3.38 -15.68 14.81
CA ALA I 10 -2.07 -15.83 14.17
C ALA I 10 -0.96 -15.22 15.02
N SER I 11 -1.24 -14.08 15.67
CA SER I 11 -0.27 -13.47 16.58
C SER I 11 0.11 -14.39 17.72
N ILE I 12 -0.90 -14.92 18.43
CA ILE I 12 -0.67 -15.89 19.50
C ILE I 12 0.14 -17.07 18.99
N ILE I 13 -0.21 -17.55 17.80
CA ILE I 13 0.41 -18.74 17.26
C ILE I 13 1.85 -18.44 16.83
N GLY I 14 2.11 -17.25 16.30
CA GLY I 14 3.47 -16.88 15.94
C GLY I 14 4.38 -16.75 17.15
N ILE I 15 3.82 -16.31 18.29
CA ILE I 15 4.62 -16.27 19.52
C ILE I 15 4.97 -17.69 19.96
N LEU I 16 3.97 -18.58 19.99
CA LEU I 16 4.19 -19.99 20.31
C LEU I 16 5.22 -20.62 19.38
N HIS I 17 5.04 -20.38 18.08
CA HIS I 17 5.96 -20.92 17.04
C HIS I 17 7.40 -20.59 17.42
N LEU I 18 7.65 -19.33 17.79
CA LEU I 18 9.01 -18.91 18.16
C LEU I 18 9.48 -19.58 19.45
N ILE I 19 8.60 -19.72 20.43
CA ILE I 19 9.01 -20.40 21.66
C ILE I 19 9.44 -21.83 21.34
N LEU I 20 8.66 -22.50 20.48
CA LEU I 20 8.96 -23.90 20.14
C LEU I 20 10.25 -24.01 19.34
N TRP I 21 10.48 -23.09 18.42
CA TRP I 21 11.72 -23.10 17.63
C TRP I 21 12.94 -22.95 18.54
N ILE I 22 12.91 -21.96 19.42
CA ILE I 22 14.00 -21.70 20.36
C ILE I 22 14.22 -22.90 21.29
N LEU I 23 13.14 -23.51 21.79
CA LEU I 23 13.32 -24.67 22.66
C LEU I 23 13.90 -25.85 21.91
N ASP I 24 13.52 -26.02 20.63
CA ASP I 24 14.26 -26.97 19.80
C ASP I 24 15.71 -26.54 19.66
N ARG I 25 15.96 -25.22 19.60
CA ARG I 25 17.32 -24.71 19.39
C ARG I 25 18.17 -24.86 20.65
N LEU I 26 17.59 -24.63 21.82
CA LEU I 26 18.36 -24.66 23.06
C LEU I 26 18.85 -26.07 23.38
N ASP J 4 -6.95 -5.22 5.82
CA ASP J 4 -5.80 -5.42 4.93
C ASP J 4 -5.69 -6.90 4.53
N PRO J 5 -5.84 -7.17 3.23
CA PRO J 5 -5.73 -8.56 2.77
C PRO J 5 -4.32 -9.12 2.86
N LEU J 6 -3.29 -8.28 2.85
CA LEU J 6 -1.95 -8.82 3.03
C LEU J 6 -1.78 -9.37 4.43
N VAL J 7 -2.31 -8.67 5.42
CA VAL J 7 -2.21 -9.07 6.82
C VAL J 7 -3.06 -10.30 7.07
N VAL J 8 -4.26 -10.34 6.48
CA VAL J 8 -5.13 -11.51 6.60
C VAL J 8 -4.46 -12.71 5.94
N ALA J 9 -3.95 -12.53 4.72
CA ALA J 9 -3.24 -13.61 4.05
C ALA J 9 -2.03 -14.06 4.85
N ALA J 10 -1.34 -13.13 5.52
CA ALA J 10 -0.19 -13.52 6.31
C ALA J 10 -0.62 -14.27 7.57
N SER J 11 -1.78 -13.89 8.12
CA SER J 11 -2.30 -14.58 9.30
C SER J 11 -2.63 -16.03 8.97
N ILE J 12 -3.25 -16.29 7.81
CA ILE J 12 -3.56 -17.66 7.41
C ILE J 12 -2.27 -18.46 7.26
N ILE J 13 -1.29 -17.91 6.54
CA ILE J 13 -0.02 -18.59 6.28
C ILE J 13 0.71 -18.88 7.59
N GLY J 14 0.67 -17.94 8.53
CA GLY J 14 1.27 -18.19 9.83
C GLY J 14 0.65 -19.38 10.54
N ILE J 15 -0.67 -19.51 10.46
CA ILE J 15 -1.31 -20.65 11.12
C ILE J 15 -0.96 -21.93 10.40
N LEU J 16 -0.97 -21.91 9.07
CA LEU J 16 -0.51 -23.07 8.32
C LEU J 16 0.92 -23.41 8.68
N HIS J 17 1.78 -22.39 8.80
CA HIS J 17 3.19 -22.64 9.04
C HIS J 17 3.40 -23.47 10.31
N LEU J 18 2.72 -23.09 11.41
CA LEU J 18 2.87 -23.87 12.63
C LEU J 18 2.28 -25.28 12.49
N ILE J 19 1.12 -25.42 11.84
CA ILE J 19 0.58 -26.75 11.58
C ILE J 19 1.63 -27.63 10.93
N LEU J 20 2.26 -27.13 9.86
CA LEU J 20 3.27 -27.90 9.14
C LEU J 20 4.48 -28.19 10.01
N TRP J 21 4.96 -27.19 10.74
CA TRP J 21 6.12 -27.38 11.59
C TRP J 21 5.90 -28.49 12.61
N ILE J 22 4.72 -28.51 13.26
CA ILE J 22 4.42 -29.59 14.21
C ILE J 22 4.38 -30.93 13.49
N LEU J 23 3.71 -30.99 12.34
CA LEU J 23 3.60 -32.26 11.63
C LEU J 23 4.97 -32.77 11.19
N ASP J 24 5.86 -31.85 10.81
CA ASP J 24 7.22 -32.25 10.44
C ASP J 24 7.97 -32.84 11.63
N ARG J 25 7.59 -32.41 12.84
CA ARG J 25 8.23 -32.88 14.09
C ARG J 25 7.64 -34.24 14.46
N LEU J 26 6.32 -34.41 14.39
CA LEU J 26 5.66 -35.64 14.82
C LEU J 26 5.99 -36.84 13.91
N ASP K 4 -0.24 0.06 9.32
CA ASP K 4 0.94 0.15 10.17
C ASP K 4 2.13 -0.53 9.50
N PRO K 5 3.16 0.24 9.19
CA PRO K 5 4.32 -0.31 8.45
C PRO K 5 4.97 -1.52 9.09
N LEU K 6 4.99 -1.63 10.43
CA LEU K 6 5.60 -2.80 11.07
C LEU K 6 4.79 -4.06 10.82
N VAL K 7 3.45 -3.96 10.89
CA VAL K 7 2.60 -5.13 10.64
C VAL K 7 2.68 -5.53 9.17
N VAL K 8 2.75 -4.57 8.27
CA VAL K 8 2.90 -4.88 6.85
C VAL K 8 4.23 -5.56 6.60
N ALA K 9 5.31 -5.01 7.18
CA ALA K 9 6.63 -5.60 7.01
C ALA K 9 6.70 -7.01 7.60
N ALA K 10 6.11 -7.20 8.78
CA ALA K 10 6.10 -8.55 9.36
C ALA K 10 5.22 -9.50 8.55
N SER K 11 4.16 -9.00 7.94
CA SER K 11 3.30 -9.84 7.11
C SER K 11 4.06 -10.36 5.90
N ILE K 12 4.74 -9.47 5.18
CA ILE K 12 5.55 -9.88 4.04
C ILE K 12 6.61 -10.87 4.47
N ILE K 13 7.23 -10.61 5.64
CA ILE K 13 8.32 -11.44 6.15
C ILE K 13 7.81 -12.82 6.54
N GLY K 14 6.60 -12.91 7.11
CA GLY K 14 6.05 -14.21 7.45
C GLY K 14 5.75 -15.06 6.24
N ILE K 15 5.27 -14.43 5.16
CA ILE K 15 5.05 -15.14 3.90
C ILE K 15 6.35 -15.71 3.38
N LEU K 16 7.39 -14.86 3.33
CA LEU K 16 8.72 -15.30 2.94
C LEU K 16 9.17 -16.50 3.76
N HIS K 17 9.02 -16.40 5.09
CA HIS K 17 9.51 -17.43 6.00
C HIS K 17 8.93 -18.80 5.68
N LEU K 18 7.61 -18.87 5.50
CA LEU K 18 6.99 -20.16 5.20
C LEU K 18 7.47 -20.68 3.85
N ILE K 19 7.57 -19.79 2.86
CA ILE K 19 8.09 -20.22 1.55
C ILE K 19 9.47 -20.85 1.72
N LEU K 20 10.35 -20.21 2.49
CA LEU K 20 11.70 -20.74 2.62
C LEU K 20 11.70 -22.03 3.41
N TRP K 21 10.86 -22.12 4.44
CA TRP K 21 10.86 -23.30 5.28
C TRP K 21 10.40 -24.51 4.49
N ILE K 22 9.33 -24.36 3.70
CA ILE K 22 8.86 -25.44 2.82
C ILE K 22 9.98 -25.86 1.88
N LEU K 23 10.51 -24.90 1.11
CA LEU K 23 11.55 -25.23 0.15
C LEU K 23 12.72 -25.94 0.81
N ASP K 24 13.08 -25.52 2.04
CA ASP K 24 14.25 -26.08 2.69
C ASP K 24 14.08 -27.57 2.99
N ARG K 25 12.84 -28.08 2.99
CA ARG K 25 12.56 -29.48 3.27
C ARG K 25 12.29 -30.30 2.01
N LEU K 26 12.37 -29.67 0.84
CA LEU K 26 12.11 -30.36 -0.42
C LEU K 26 13.40 -30.89 -1.04
N SER L 3 -1.31 -0.75 17.14
CA SER L 3 -2.66 -1.23 17.36
C SER L 3 -2.76 -2.22 18.54
N ASP L 4 -3.21 -3.44 18.25
CA ASP L 4 -3.25 -4.47 19.28
C ASP L 4 -1.84 -4.79 19.75
N PRO L 5 -1.56 -4.76 21.05
CA PRO L 5 -0.19 -5.03 21.50
C PRO L 5 0.27 -6.43 21.16
N LEU L 6 -0.65 -7.41 21.09
CA LEU L 6 -0.26 -8.76 20.66
C LEU L 6 0.15 -8.78 19.20
N VAL L 7 -0.56 -8.02 18.34
CA VAL L 7 -0.23 -7.99 16.92
C VAL L 7 1.12 -7.29 16.70
N VAL L 8 1.34 -6.16 17.38
CA VAL L 8 2.64 -5.50 17.32
C VAL L 8 3.73 -6.44 17.81
N ALA L 9 3.50 -7.07 18.97
CA ALA L 9 4.52 -7.97 19.53
C ALA L 9 4.79 -9.14 18.59
N ALA L 10 3.74 -9.76 18.06
CA ALA L 10 3.95 -10.89 17.15
C ALA L 10 4.62 -10.46 15.86
N SER L 11 4.39 -9.22 15.42
CA SER L 11 5.11 -8.67 14.28
C SER L 11 6.61 -8.64 14.53
N ILE L 12 7.00 -8.08 15.68
CA ILE L 12 8.39 -8.02 16.07
C ILE L 12 8.99 -9.42 16.20
N ILE L 13 8.26 -10.33 16.83
CA ILE L 13 8.73 -11.69 17.08
C ILE L 13 8.81 -12.49 15.77
N GLY L 14 7.92 -12.20 14.82
CA GLY L 14 8.01 -12.88 13.53
C GLY L 14 9.21 -12.43 12.71
N ILE L 15 9.58 -11.16 12.81
CA ILE L 15 10.81 -10.70 12.20
C ILE L 15 12.02 -11.34 12.87
N LEU L 16 12.02 -11.39 14.22
CA LEU L 16 13.09 -12.07 14.94
C LEU L 16 13.20 -13.52 14.52
N HIS L 17 12.06 -14.23 14.52
CA HIS L 17 12.05 -15.64 14.11
C HIS L 17 12.71 -15.85 12.76
N LEU L 18 12.32 -15.05 11.75
CA LEU L 18 12.89 -15.27 10.42
C LEU L 18 14.38 -15.00 10.40
N ILE L 19 14.82 -13.94 11.11
CA ILE L 19 16.25 -13.63 11.22
C ILE L 19 16.99 -14.81 11.81
N LEU L 20 16.46 -15.40 12.89
CA LEU L 20 17.13 -16.54 13.52
C LEU L 20 17.12 -17.77 12.61
N TRP L 21 16.02 -17.96 11.87
CA TRP L 21 15.98 -19.08 10.93
C TRP L 21 17.05 -18.92 9.86
N ILE L 22 17.14 -17.73 9.26
CA ILE L 22 18.11 -17.47 8.20
C ILE L 22 19.53 -17.65 8.73
N LEU L 23 19.78 -17.15 9.95
CA LEU L 23 21.13 -17.24 10.50
C LEU L 23 21.55 -18.70 10.67
N ASP L 24 20.65 -19.54 11.20
CA ASP L 24 20.96 -20.96 11.33
C ASP L 24 21.14 -21.60 9.96
N ARG L 25 20.36 -21.15 8.97
CA ARG L 25 20.48 -21.69 7.61
C ARG L 25 21.79 -21.29 6.95
N LEU L 26 22.31 -20.09 7.25
CA LEU L 26 23.59 -19.64 6.65
C LEU L 26 24.81 -20.30 7.29
N ASP M 4 2.47 1.31 -15.52
CA ASP M 4 1.08 1.11 -15.91
C ASP M 4 0.64 2.21 -16.89
N PRO M 5 0.12 1.78 -18.05
CA PRO M 5 -0.29 2.75 -19.07
C PRO M 5 -1.33 3.77 -18.61
N LEU M 6 -2.27 3.38 -17.73
CA LEU M 6 -3.31 4.31 -17.28
C LEU M 6 -2.71 5.45 -16.45
N VAL M 7 -1.77 5.13 -15.57
CA VAL M 7 -1.13 6.17 -14.76
C VAL M 7 -0.30 7.10 -15.63
N VAL M 8 0.39 6.55 -16.63
CA VAL M 8 1.15 7.38 -17.57
C VAL M 8 0.20 8.28 -18.35
N ALA M 9 -0.90 7.71 -18.85
CA ALA M 9 -1.86 8.52 -19.60
C ALA M 9 -2.46 9.62 -18.72
N ALA M 10 -2.86 9.28 -17.49
CA ALA M 10 -3.40 10.31 -16.62
C ALA M 10 -2.35 11.36 -16.26
N SER M 11 -1.08 10.98 -16.16
CA SER M 11 -0.02 11.94 -15.90
C SER M 11 0.07 12.98 -16.99
N ILE M 12 0.16 12.52 -18.25
CA ILE M 12 0.20 13.42 -19.40
C ILE M 12 -1.05 14.30 -19.41
N ILE M 13 -2.21 13.69 -19.16
CA ILE M 13 -3.48 14.39 -19.15
C ILE M 13 -3.52 15.43 -18.04
N GLY M 14 -2.92 15.13 -16.90
CA GLY M 14 -2.88 16.09 -15.80
C GLY M 14 -2.02 17.29 -16.13
N ILE M 15 -0.91 17.08 -16.81
CA ILE M 15 -0.05 18.19 -17.20
C ILE M 15 -0.77 19.07 -18.20
N LEU M 16 -1.42 18.45 -19.19
CA LEU M 16 -2.22 19.19 -20.16
C LEU M 16 -3.26 20.06 -19.47
N HIS M 17 -3.99 19.46 -18.52
CA HIS M 17 -5.08 20.16 -17.84
C HIS M 17 -4.59 21.45 -17.20
N LEU M 18 -3.47 21.39 -16.48
CA LEU M 18 -2.98 22.58 -15.82
C LEU M 18 -2.56 23.63 -16.84
N ILE M 19 -1.88 23.21 -17.92
CA ILE M 19 -1.47 24.14 -18.97
C ILE M 19 -2.69 24.87 -19.52
N LEU M 20 -3.74 24.11 -19.86
CA LEU M 20 -4.94 24.74 -20.42
C LEU M 20 -5.63 25.62 -19.39
N TRP M 21 -5.61 25.19 -18.13
CA TRP M 21 -6.32 25.94 -17.11
C TRP M 21 -5.67 27.30 -16.91
N ILE M 22 -4.34 27.32 -16.77
CA ILE M 22 -3.61 28.58 -16.67
C ILE M 22 -3.90 29.47 -17.86
N LEU M 23 -3.71 28.94 -19.07
CA LEU M 23 -3.93 29.73 -20.29
C LEU M 23 -5.32 30.33 -20.32
N ASP M 24 -6.34 29.56 -19.95
CA ASP M 24 -7.70 30.07 -19.96
C ASP M 24 -7.84 31.26 -19.02
N ARG M 25 -6.92 31.43 -18.06
CA ARG M 25 -6.92 32.57 -17.15
C ARG M 25 -6.11 33.77 -17.66
N LEU M 26 -5.42 33.64 -18.78
CA LEU M 26 -4.67 34.79 -19.32
C LEU M 26 -5.57 35.71 -20.14
N SER N 3 -1.10 -2.45 -7.82
CA SER N 3 -0.93 -1.00 -7.69
C SER N 3 -1.89 -0.40 -6.67
N ASP N 4 -1.62 0.84 -6.28
CA ASP N 4 -2.41 1.50 -5.26
C ASP N 4 -3.78 1.84 -5.82
N PRO N 5 -4.88 1.35 -5.23
CA PRO N 5 -6.20 1.68 -5.77
C PRO N 5 -6.48 3.17 -5.75
N LEU N 6 -5.86 3.90 -4.84
CA LEU N 6 -6.00 5.35 -4.81
C LEU N 6 -5.34 6.01 -6.02
N VAL N 7 -4.15 5.53 -6.39
CA VAL N 7 -3.50 6.06 -7.59
C VAL N 7 -4.29 5.72 -8.84
N VAL N 8 -4.73 4.45 -8.94
CA VAL N 8 -5.55 4.03 -10.09
C VAL N 8 -6.81 4.87 -10.17
N ALA N 9 -7.49 5.05 -9.02
CA ALA N 9 -8.73 5.82 -9.00
C ALA N 9 -8.50 7.29 -9.37
N ALA N 10 -7.42 7.88 -8.86
CA ALA N 10 -7.16 9.28 -9.19
C ALA N 10 -6.77 9.44 -10.66
N SER N 11 -6.21 8.40 -11.25
CA SER N 11 -5.92 8.43 -12.68
C SER N 11 -7.20 8.56 -13.49
N ILE N 12 -8.17 7.68 -13.21
CA ILE N 12 -9.46 7.72 -13.89
C ILE N 12 -10.16 9.06 -13.65
N ILE N 13 -10.18 9.53 -12.39
CA ILE N 13 -10.86 10.77 -12.04
C ILE N 13 -10.16 11.99 -12.65
N GLY N 14 -8.85 11.94 -12.80
CA GLY N 14 -8.16 13.01 -13.50
C GLY N 14 -8.52 13.05 -14.99
N ILE N 15 -8.64 11.88 -15.61
CA ILE N 15 -9.07 11.83 -17.00
C ILE N 15 -10.49 12.36 -17.11
N LEU N 16 -11.38 11.96 -16.19
CA LEU N 16 -12.74 12.47 -16.20
C LEU N 16 -12.76 13.98 -16.00
N HIS N 17 -12.00 14.46 -15.02
CA HIS N 17 -11.91 15.89 -14.75
C HIS N 17 -11.58 16.68 -16.01
N LEU N 18 -10.53 16.27 -16.72
CA LEU N 18 -10.11 17.01 -17.91
C LEU N 18 -11.20 16.98 -18.96
N ILE N 19 -11.81 15.80 -19.16
CA ILE N 19 -12.91 15.68 -20.12
C ILE N 19 -14.02 16.67 -19.78
N LEU N 20 -14.39 16.76 -18.50
CA LEU N 20 -15.48 17.67 -18.11
C LEU N 20 -15.07 19.12 -18.25
N TRP N 21 -13.79 19.43 -17.99
CA TRP N 21 -13.32 20.80 -18.16
C TRP N 21 -13.40 21.22 -19.62
N ILE N 22 -12.91 20.35 -20.51
CA ILE N 22 -12.91 20.63 -21.94
C ILE N 22 -14.33 20.80 -22.46
N LEU N 23 -15.27 19.98 -21.98
CA LEU N 23 -16.61 20.04 -22.53
C LEU N 23 -17.29 21.35 -22.14
N ASP N 24 -17.10 21.81 -20.90
CA ASP N 24 -17.59 23.13 -20.52
C ASP N 24 -16.91 24.21 -21.35
N ARG N 25 -15.60 24.09 -21.57
CA ARG N 25 -14.87 25.06 -22.38
C ARG N 25 -15.37 25.09 -23.84
N LEU N 26 -15.81 23.97 -24.37
CA LEU N 26 -16.27 23.92 -25.76
C LEU N 26 -17.67 24.55 -25.90
N ASP O 4 4.89 5.95 -2.60
CA ASP O 4 5.48 7.28 -2.70
C ASP O 4 4.46 8.32 -2.24
N PRO O 5 4.66 8.90 -1.05
CA PRO O 5 3.65 9.82 -0.51
C PRO O 5 3.34 11.00 -1.41
N LEU O 6 4.29 11.39 -2.26
CA LEU O 6 4.02 12.47 -3.19
C LEU O 6 2.94 12.05 -4.19
N VAL O 7 3.03 10.83 -4.70
CA VAL O 7 2.01 10.34 -5.63
C VAL O 7 0.70 10.09 -4.90
N VAL O 8 0.74 9.49 -3.72
CA VAL O 8 -0.49 9.25 -2.98
C VAL O 8 -1.19 10.57 -2.63
N ALA O 9 -0.40 11.58 -2.26
CA ALA O 9 -0.98 12.88 -1.90
C ALA O 9 -1.59 13.58 -3.10
N ALA O 10 -0.91 13.53 -4.25
CA ALA O 10 -1.48 14.08 -5.46
C ALA O 10 -2.76 13.35 -5.86
N SER O 11 -2.79 12.03 -5.64
CA SER O 11 -4.01 11.27 -5.88
C SER O 11 -5.16 11.78 -5.02
N ILE O 12 -4.93 11.87 -3.70
CA ILE O 12 -5.93 12.41 -2.79
C ILE O 12 -6.38 13.79 -3.26
N ILE O 13 -5.40 14.63 -3.59
CA ILE O 13 -5.67 16.01 -3.96
C ILE O 13 -6.46 16.09 -5.26
N GLY O 14 -6.13 15.22 -6.23
CA GLY O 14 -6.87 15.24 -7.49
C GLY O 14 -8.31 14.82 -7.32
N ILE O 15 -8.57 13.89 -6.40
CA ILE O 15 -9.96 13.51 -6.11
C ILE O 15 -10.71 14.66 -5.46
N LEU O 16 -10.08 15.33 -4.49
CA LEU O 16 -10.69 16.52 -3.90
C LEU O 16 -10.94 17.60 -4.96
N HIS O 17 -9.96 17.80 -5.84
CA HIS O 17 -10.06 18.83 -6.91
C HIS O 17 -11.35 18.64 -7.72
N LEU O 18 -11.65 17.41 -8.14
CA LEU O 18 -12.84 17.16 -8.96
C LEU O 18 -14.12 17.33 -8.15
N ILE O 19 -14.11 16.94 -6.89
CA ILE O 19 -15.28 17.19 -6.04
C ILE O 19 -15.58 18.68 -5.98
N LEU O 20 -14.53 19.48 -5.76
CA LEU O 20 -14.71 20.93 -5.69
C LEU O 20 -15.18 21.50 -7.02
N TRP O 21 -14.59 21.02 -8.14
CA TRP O 21 -15.01 21.48 -9.46
C TRP O 21 -16.48 21.19 -9.70
N ILE O 22 -16.90 19.96 -9.40
CA ILE O 22 -18.29 19.55 -9.59
C ILE O 22 -19.22 20.38 -8.72
N LEU O 23 -18.84 20.65 -7.46
CA LEU O 23 -19.72 21.45 -6.61
C LEU O 23 -19.75 22.91 -7.05
N ASP O 24 -18.64 23.43 -7.57
CA ASP O 24 -18.70 24.71 -8.29
C ASP O 24 -19.62 24.60 -9.50
N ARG O 25 -19.70 23.41 -10.11
CA ARG O 25 -20.48 23.20 -11.32
C ARG O 25 -21.97 23.06 -11.01
N LEU O 26 -22.29 22.39 -9.91
CA LEU O 26 -23.69 22.11 -9.56
C LEU O 26 -24.37 23.38 -9.07
N ASP P 4 9.19 6.71 -11.65
CA ASP P 4 8.89 7.33 -12.94
C ASP P 4 8.79 8.84 -12.79
N PRO P 5 9.75 9.57 -13.35
CA PRO P 5 9.74 11.04 -13.21
C PRO P 5 8.56 11.73 -13.87
N LEU P 6 7.89 11.09 -14.83
CA LEU P 6 6.71 11.71 -15.43
C LEU P 6 5.55 11.71 -14.43
N VAL P 7 5.36 10.59 -13.73
CA VAL P 7 4.31 10.51 -12.72
C VAL P 7 4.62 11.45 -11.57
N VAL P 8 5.90 11.53 -11.19
CA VAL P 8 6.31 12.45 -10.13
C VAL P 8 6.10 13.90 -10.57
N ALA P 9 6.52 14.23 -11.80
CA ALA P 9 6.27 15.58 -12.29
C ALA P 9 4.78 15.88 -12.36
N ALA P 10 3.96 14.87 -12.69
CA ALA P 10 2.52 15.12 -12.74
C ALA P 10 1.94 15.25 -11.34
N SER P 11 2.51 14.53 -10.38
CA SER P 11 2.07 14.66 -8.98
C SER P 11 2.31 16.08 -8.47
N ILE P 12 3.52 16.61 -8.66
CA ILE P 12 3.83 17.99 -8.28
C ILE P 12 2.88 18.96 -8.95
N ILE P 13 2.69 18.80 -10.26
CA ILE P 13 1.84 19.70 -11.04
C ILE P 13 0.39 19.64 -10.57
N GLY P 14 -0.08 18.44 -10.23
CA GLY P 14 -1.44 18.31 -9.71
C GLY P 14 -1.64 19.06 -8.39
N ILE P 15 -0.65 19.00 -7.51
CA ILE P 15 -0.77 19.72 -6.24
C ILE P 15 -0.78 21.22 -6.50
N LEU P 16 0.11 21.69 -7.39
CA LEU P 16 0.11 23.10 -7.75
C LEU P 16 -1.20 23.51 -8.39
N HIS P 17 -1.79 22.58 -9.16
CA HIS P 17 -3.08 22.88 -9.84
C HIS P 17 -4.13 23.24 -8.77
N LEU P 18 -4.27 22.39 -7.75
CA LEU P 18 -5.28 22.69 -6.72
C LEU P 18 -4.97 24.01 -5.99
N ILE P 19 -3.70 24.24 -5.62
CA ILE P 19 -3.33 25.50 -4.98
C ILE P 19 -3.79 26.67 -5.82
N LEU P 20 -3.49 26.63 -7.11
CA LEU P 20 -3.84 27.73 -8.00
C LEU P 20 -5.36 27.91 -8.10
N TRP P 21 -6.09 26.79 -8.16
CA TRP P 21 -7.52 26.85 -8.32
C TRP P 21 -8.20 27.45 -7.09
N ILE P 22 -7.79 27.01 -5.90
CA ILE P 22 -8.32 27.61 -4.67
C ILE P 22 -7.96 29.10 -4.60
N LEU P 23 -6.73 29.46 -4.98
CA LEU P 23 -6.33 30.86 -4.87
C LEU P 23 -7.10 31.75 -5.82
N ASP P 24 -7.48 31.24 -6.99
CA ASP P 24 -8.26 32.04 -7.93
C ASP P 24 -9.71 32.18 -7.46
N ARG P 25 -10.19 31.17 -6.73
CA ARG P 25 -11.57 31.17 -6.19
C ARG P 25 -11.67 32.19 -5.04
N LEU P 26 -10.63 32.33 -4.23
CA LEU P 26 -10.63 33.28 -3.12
C LEU P 26 -10.41 34.71 -3.60
#